data_9CKP
#
_entry.id   9CKP
#
_cell.length_a   140.206
_cell.length_b   140.206
_cell.length_c   77.832
_cell.angle_alpha   90.000
_cell.angle_beta   90.000
_cell.angle_gamma   90.000
#
_symmetry.space_group_name_H-M   'P 41 21 2'
#
loop_
_entity.id
_entity.type
_entity.pdbx_description
1 polymer 'G protein-coupled receptor kinase 5'
2 non-polymer 'ACETYL GROUP'
3 non-polymer SANGIVAMYCIN
4 non-polymer 'POTASSIUM ION'
5 water water
#
_entity_poly.entity_id   1
_entity_poly.type   'polypeptide(L)'
_entity_poly.pdbx_seq_one_letter_code
;MELENIVANTVLLKAREGGGGKRKGKSKKWKEILKFPHISQCEDLRRTIDRDYCSLCDKQPIGRLLFRQFCETRPGLECY
IQFLDSVAEYEVTPDEKLGEKGKEIMTKYLTPKSPVFIAQVGQDLVSQTEEKLLQKPCKELFSACAQSVHEYLRGEPFHE
YLDSMFFDRFLQWKWLERQPVTKNTFRQYRVLGKGGFGEVCACQVRATGKMYACKRLEKKRIKKRKGESMALNEKQILEK
VNSQFVVNLAYAYETKDALCLVLTIMNGGDLKFHIYNMGNPGFEEERALFYAAEILCGLEDLHRENTVYRNLKPENILLD
DYGHIRISDLGLAVKIPEGDLIRGRVGTVGYMAPEVLNNQRYGLSPDYWGLGCLIYEMIEGQSPFRGRKEKVKREEVDRR
VLETEEVYSHKFSEEAKSICKMLLTKDAKQRLGCQEEGAAEVKRHPFFRNMNFKRLEAGMLDPPFVPDPRAVYCKDVLDI
EQFSTVKGVNLDHTDDDFYSKFSTGSVSIPWQNEMIETECFKELNVFGPNGTLPPDLNRNHPPEPPKKGLLQRLFKRQHQ
NNSKSSPSSKTSFNHHINSNHVSSNSTGSSVDHHHHHH
;
_entity_poly.pdbx_strand_id   A
#
loop_
_chem_comp.id
_chem_comp.type
_chem_comp.name
_chem_comp.formula
ACE non-polymer 'ACETYL GROUP' 'C2 H4 O'
K non-polymer 'POTASSIUM ION' 'K 1'
SGV non-polymer SANGIVAMYCIN 'C12 H15 N5 O5'
#
# COMPACT_ATOMS: atom_id res chain seq x y z
N MET A 1 -23.81 -28.22 -4.79
CA MET A 1 -22.79 -27.31 -5.29
C MET A 1 -22.83 -27.04 -6.75
N GLU A 2 -22.53 -25.78 -7.09
CA GLU A 2 -22.49 -25.34 -8.47
C GLU A 2 -21.05 -25.40 -8.98
N LEU A 3 -20.87 -25.95 -10.18
CA LEU A 3 -19.51 -26.19 -10.64
C LEU A 3 -18.82 -24.89 -11.07
N GLU A 4 -19.58 -23.88 -11.51
CA GLU A 4 -18.95 -22.59 -11.80
C GLU A 4 -18.24 -22.04 -10.57
N ASN A 5 -18.77 -22.34 -9.38
CA ASN A 5 -18.17 -21.83 -8.16
C ASN A 5 -16.96 -22.65 -7.73
N ILE A 6 -17.05 -23.98 -7.85
CA ILE A 6 -15.91 -24.83 -7.51
C ILE A 6 -14.73 -24.52 -8.43
N VAL A 7 -14.97 -24.62 -9.74
CA VAL A 7 -13.89 -24.42 -10.71
C VAL A 7 -13.25 -23.05 -10.53
N ALA A 8 -14.07 -22.02 -10.33
CA ALA A 8 -13.53 -20.66 -10.25
C ALA A 8 -12.54 -20.55 -9.10
N ASN A 9 -12.82 -21.23 -7.99
CA ASN A 9 -11.93 -21.11 -6.83
C ASN A 9 -10.68 -21.98 -6.99
N THR A 10 -10.83 -23.24 -7.40
CA THR A 10 -9.66 -24.10 -7.53
C THR A 10 -8.66 -23.54 -8.52
N VAL A 11 -9.13 -22.84 -9.56
CA VAL A 11 -8.23 -22.21 -10.51
C VAL A 11 -7.48 -21.06 -9.83
N LEU A 12 -8.23 -20.20 -9.13
CA LEU A 12 -7.60 -19.12 -8.39
C LEU A 12 -6.60 -19.65 -7.38
N LEU A 13 -6.97 -20.73 -6.67
CA LEU A 13 -6.09 -21.28 -5.65
C LEU A 13 -4.80 -21.85 -6.26
N LYS A 14 -4.90 -22.49 -7.42
CA LYS A 14 -3.72 -23.05 -8.05
C LYS A 14 -2.73 -21.95 -8.40
N ALA A 15 -3.22 -20.86 -9.00
CA ALA A 15 -2.32 -19.76 -9.35
C ALA A 15 -1.72 -19.11 -8.12
N ARG A 16 -2.51 -18.97 -7.05
CA ARG A 16 -2.03 -18.29 -5.85
C ARG A 16 -0.83 -19.01 -5.25
N GLU A 17 -0.82 -20.34 -5.30
CA GLU A 17 0.32 -21.08 -4.78
C GLU A 17 1.56 -20.81 -5.64
N LYS A 22 5.52 -25.36 -11.09
CA LYS A 22 6.86 -24.90 -11.39
C LYS A 22 6.84 -23.53 -12.06
N ARG A 23 8.01 -22.92 -12.17
CA ARG A 23 8.21 -21.58 -12.72
C ARG A 23 7.45 -20.51 -11.94
N LYS A 24 6.90 -20.86 -10.78
CA LYS A 24 6.19 -19.90 -9.92
C LYS A 24 5.05 -19.22 -10.68
N GLY A 25 4.51 -19.88 -11.70
CA GLY A 25 3.45 -19.31 -12.49
C GLY A 25 3.90 -18.42 -13.63
N LYS A 26 5.20 -18.38 -13.91
CA LYS A 26 5.69 -17.52 -14.97
C LYS A 26 5.35 -18.10 -16.34
N SER A 27 5.52 -17.27 -17.36
CA SER A 27 5.32 -17.68 -18.73
C SER A 27 6.53 -18.44 -19.26
N LYS A 28 6.31 -19.26 -20.27
CA LYS A 28 7.39 -20.10 -20.79
C LYS A 28 8.49 -19.25 -21.42
N LYS A 29 8.12 -18.18 -22.11
CA LYS A 29 9.07 -17.28 -22.75
C LYS A 29 9.24 -15.98 -21.96
N TRP A 30 9.39 -16.08 -20.65
CA TRP A 30 9.50 -14.86 -19.85
C TRP A 30 10.87 -14.23 -20.00
N LYS A 31 11.91 -15.04 -20.19
CA LYS A 31 13.26 -14.51 -20.42
C LYS A 31 13.34 -13.75 -21.74
N GLU A 32 12.45 -14.06 -22.70
CA GLU A 32 12.44 -13.33 -23.95
C GLU A 32 11.66 -12.02 -23.81
N ILE A 33 10.55 -12.05 -23.08
CA ILE A 33 9.73 -10.85 -22.89
C ILE A 33 10.54 -9.81 -22.11
N LEU A 34 11.24 -10.23 -21.05
CA LEU A 34 12.05 -9.32 -20.25
C LEU A 34 13.52 -9.31 -20.68
N LYS A 35 13.81 -9.69 -21.92
CA LYS A 35 15.18 -9.65 -22.42
C LYS A 35 15.69 -8.22 -22.39
N PHE A 36 16.87 -8.01 -21.82
CA PHE A 36 17.44 -6.67 -21.81
C PHE A 36 17.67 -6.22 -23.25
N PRO A 37 17.40 -4.97 -23.58
CA PRO A 37 17.86 -4.42 -24.87
C PRO A 37 19.35 -4.15 -24.82
N HIS A 38 19.96 -4.10 -26.00
CA HIS A 38 21.34 -3.63 -26.05
C HIS A 38 21.40 -2.19 -25.54
N ILE A 39 22.45 -1.86 -24.79
CA ILE A 39 22.54 -0.54 -24.17
C ILE A 39 22.38 0.56 -25.22
N SER A 40 22.83 0.32 -26.45
CA SER A 40 22.68 1.33 -27.51
C SER A 40 21.25 1.79 -27.74
N GLN A 41 20.26 1.06 -27.23
CA GLN A 41 18.87 1.45 -27.38
C GLN A 41 18.39 2.41 -26.29
N CYS A 42 19.17 2.61 -25.23
CA CYS A 42 18.70 3.32 -24.05
C CYS A 42 19.19 4.76 -23.99
N GLU A 43 19.56 5.35 -25.11
CA GLU A 43 20.08 6.71 -25.09
C GLU A 43 18.98 7.72 -24.75
N ASP A 44 17.75 7.49 -25.20
CA ASP A 44 16.66 8.40 -24.86
C ASP A 44 16.45 8.43 -23.35
N LEU A 45 16.36 7.25 -22.72
CA LEU A 45 16.23 7.20 -21.27
C LEU A 45 17.45 7.78 -20.57
N ARG A 46 18.64 7.64 -21.17
CA ARG A 46 19.84 8.20 -20.56
C ARG A 46 19.72 9.71 -20.39
N ARG A 47 19.05 10.38 -21.34
CA ARG A 47 18.85 11.82 -21.27
C ARG A 47 17.66 12.17 -20.36
N THR A 48 16.55 11.47 -20.54
CA THR A 48 15.33 11.80 -19.79
C THR A 48 15.50 11.58 -18.29
N ILE A 49 16.27 10.58 -17.89
CA ILE A 49 16.32 10.19 -16.49
C ILE A 49 16.94 11.29 -15.65
N ASP A 50 16.23 11.71 -14.61
CA ASP A 50 16.78 12.67 -13.66
C ASP A 50 17.84 12.02 -12.80
N ARG A 51 19.04 12.62 -12.79
CA ARG A 51 20.17 12.07 -12.04
C ARG A 51 20.09 12.55 -10.60
N ASP A 52 19.21 11.92 -9.84
CA ASP A 52 18.97 12.24 -8.43
C ASP A 52 19.37 11.04 -7.59
N TYR A 53 20.24 11.26 -6.60
CA TYR A 53 20.75 10.16 -5.79
C TYR A 53 19.62 9.40 -5.09
N CYS A 54 18.77 10.12 -4.33
CA CYS A 54 17.75 9.46 -3.54
C CYS A 54 16.84 8.59 -4.39
N SER A 55 16.50 9.07 -5.59
CA SER A 55 15.63 8.29 -6.46
C SER A 55 16.38 7.09 -7.03
N LEU A 56 17.53 7.34 -7.65
CA LEU A 56 18.20 6.28 -8.40
C LEU A 56 18.90 5.27 -7.49
N CYS A 57 19.26 5.67 -6.27
CA CYS A 57 20.10 4.82 -5.43
C CYS A 57 19.38 4.38 -4.17
N ASP A 58 18.10 4.71 -4.02
CA ASP A 58 17.38 4.29 -2.82
C ASP A 58 15.90 4.04 -3.10
N LYS A 59 15.16 5.10 -3.44
CA LYS A 59 13.72 4.95 -3.59
C LYS A 59 13.37 3.88 -4.62
N GLN A 60 14.03 3.90 -5.77
CA GLN A 60 13.74 2.92 -6.80
C GLN A 60 14.41 1.60 -6.48
N PRO A 61 13.64 0.54 -6.21
CA PRO A 61 14.24 -0.70 -5.67
C PRO A 61 15.38 -1.23 -6.51
N ILE A 62 15.15 -1.44 -7.81
CA ILE A 62 16.18 -2.03 -8.66
C ILE A 62 17.40 -1.11 -8.72
N GLY A 63 17.16 0.21 -8.70
CA GLY A 63 18.27 1.15 -8.61
C GLY A 63 19.06 1.00 -7.32
N ARG A 64 18.36 0.86 -6.21
CA ARG A 64 19.03 0.67 -4.93
C ARG A 64 19.96 -0.54 -4.96
N LEU A 65 19.48 -1.68 -5.46
CA LEU A 65 20.30 -2.88 -5.45
C LEU A 65 21.49 -2.76 -6.42
N LEU A 66 21.28 -2.11 -7.57
CA LEU A 66 22.37 -1.97 -8.53
C LEU A 66 23.47 -1.04 -7.99
N PHE A 67 23.09 0.00 -7.25
CA PHE A 67 24.11 0.86 -6.64
C PHE A 67 24.87 0.11 -5.54
N ARG A 68 24.15 -0.67 -4.73
CA ARG A 68 24.81 -1.50 -3.72
C ARG A 68 25.75 -2.50 -4.38
N GLN A 69 25.27 -3.18 -5.42
CA GLN A 69 26.13 -4.14 -6.12
C GLN A 69 27.35 -3.44 -6.69
N PHE A 70 27.22 -2.17 -7.07
CA PHE A 70 28.38 -1.41 -7.53
C PHE A 70 29.32 -1.09 -6.36
N CYS A 71 28.77 -0.68 -5.22
CA CYS A 71 29.63 -0.40 -4.07
C CYS A 71 30.33 -1.65 -3.57
N GLU A 72 29.73 -2.82 -3.77
CA GLU A 72 30.34 -4.06 -3.33
C GLU A 72 31.51 -4.47 -4.20
N THR A 73 31.73 -3.80 -5.33
CA THR A 73 32.91 -4.04 -6.14
C THR A 73 34.13 -3.25 -5.63
N ARG A 74 33.98 -2.52 -4.52
CA ARG A 74 35.06 -1.72 -3.95
C ARG A 74 35.07 -1.92 -2.43
N PRO A 75 36.16 -2.46 -1.86
CA PRO A 75 36.20 -2.57 -0.39
C PRO A 75 36.02 -1.23 0.31
N GLY A 76 36.50 -0.14 -0.30
CA GLY A 76 36.35 1.17 0.30
C GLY A 76 34.94 1.67 0.37
N LEU A 77 34.04 1.06 -0.40
CA LEU A 77 32.62 1.41 -0.37
C LEU A 77 31.75 0.33 0.25
N GLU A 78 32.18 -0.93 0.18
CA GLU A 78 31.39 -2.01 0.77
C GLU A 78 31.19 -1.79 2.27
N CYS A 79 32.12 -1.10 2.91
CA CYS A 79 31.96 -0.81 4.34
C CYS A 79 30.77 0.10 4.58
N TYR A 80 30.64 1.16 3.79
CA TYR A 80 29.52 2.07 3.97
C TYR A 80 28.19 1.35 3.78
N ILE A 81 28.14 0.41 2.85
CA ILE A 81 26.92 -0.37 2.66
C ILE A 81 26.65 -1.24 3.89
N GLN A 82 27.70 -1.77 4.51
CA GLN A 82 27.52 -2.58 5.70
C GLN A 82 27.06 -1.74 6.89
N PHE A 83 27.51 -0.48 6.97
CA PHE A 83 27.07 0.37 8.07
C PHE A 83 25.57 0.67 7.97
N LEU A 84 25.14 1.15 6.81
CA LEU A 84 23.71 1.43 6.63
C LEU A 84 22.87 0.19 6.88
N ASP A 85 23.40 -0.99 6.56
CA ASP A 85 22.68 -2.23 6.85
C ASP A 85 22.58 -2.44 8.35
N SER A 86 23.70 -2.32 9.07
CA SER A 86 23.70 -2.55 10.51
C SER A 86 22.81 -1.53 11.22
N VAL A 87 22.84 -0.28 10.78
CA VAL A 87 21.98 0.73 11.39
C VAL A 87 20.51 0.32 11.23
N ALA A 88 20.16 -0.23 10.08
CA ALA A 88 18.79 -0.69 9.88
C ALA A 88 18.43 -1.77 10.90
N GLU A 89 19.34 -2.72 11.13
CA GLU A 89 19.09 -3.74 12.14
C GLU A 89 18.90 -3.11 13.53
N TYR A 90 19.82 -2.23 13.92
CA TYR A 90 19.70 -1.52 15.19
C TYR A 90 18.36 -0.81 15.31
N GLU A 91 17.81 -0.33 14.19
CA GLU A 91 16.56 0.41 14.21
C GLU A 91 15.34 -0.48 14.41
N VAL A 92 15.50 -1.79 14.47
CA VAL A 92 14.38 -2.70 14.69
C VAL A 92 14.70 -3.67 15.82
N THR A 93 15.80 -3.41 16.53
CA THR A 93 16.11 -4.24 17.70
C THR A 93 15.27 -3.79 18.90
N PRO A 94 15.00 -4.68 19.84
CA PRO A 94 14.16 -4.31 20.98
C PRO A 94 14.83 -3.26 21.85
N ASP A 95 14.00 -2.42 22.48
CA ASP A 95 14.51 -1.42 23.42
C ASP A 95 15.34 -2.08 24.52
N GLU A 96 15.14 -3.37 24.77
CA GLU A 96 15.90 -4.07 25.80
C GLU A 96 17.35 -4.22 25.39
N LYS A 97 17.58 -4.65 24.14
CA LYS A 97 18.91 -4.87 23.62
C LYS A 97 19.44 -3.74 22.76
N LEU A 98 18.77 -2.58 22.79
CA LEU A 98 19.25 -1.45 22.01
C LEU A 98 20.64 -1.03 22.47
N GLY A 99 20.83 -0.88 23.79
CA GLY A 99 22.12 -0.47 24.30
C GLY A 99 23.25 -1.39 23.85
N GLU A 100 23.01 -2.69 23.89
CA GLU A 100 24.02 -3.64 23.43
C GLU A 100 24.30 -3.45 21.95
N LYS A 101 23.29 -3.69 21.11
CA LYS A 101 23.46 -3.60 19.66
C LYS A 101 24.14 -2.31 19.26
N GLY A 102 23.88 -1.22 19.98
CA GLY A 102 24.54 0.03 19.70
C GLY A 102 26.05 -0.01 19.91
N LYS A 103 26.54 -0.99 20.66
CA LYS A 103 27.97 -1.05 20.92
C LYS A 103 28.72 -1.76 19.79
N GLU A 104 28.12 -2.80 19.20
CA GLU A 104 28.78 -3.46 18.07
C GLU A 104 29.06 -2.46 16.95
N ILE A 105 28.02 -1.71 16.54
CA ILE A 105 28.18 -0.73 15.47
C ILE A 105 29.33 0.21 15.78
N MET A 106 29.32 0.78 16.99
CA MET A 106 30.38 1.70 17.39
C MET A 106 31.74 1.01 17.38
N THR A 107 31.81 -0.18 17.97
CA THR A 107 33.08 -0.91 18.03
C THR A 107 33.44 -1.61 16.72
N LYS A 108 32.55 -1.61 15.73
CA LYS A 108 32.82 -2.29 14.46
C LYS A 108 32.91 -1.35 13.28
N TYR A 109 32.33 -0.15 13.36
CA TYR A 109 32.38 0.81 12.27
C TYR A 109 32.92 2.17 12.69
N LEU A 110 32.97 2.49 13.97
CA LEU A 110 33.26 3.84 14.44
C LEU A 110 34.41 3.83 15.43
N THR A 111 35.51 3.20 15.04
CA THR A 111 36.74 3.23 15.84
C THR A 111 37.89 3.43 14.85
N PRO A 112 38.93 4.17 15.24
CA PRO A 112 40.02 4.42 14.28
C PRO A 112 40.68 3.15 13.77
N LYS A 113 40.62 2.07 14.55
CA LYS A 113 41.23 0.80 14.16
C LYS A 113 40.21 -0.29 13.88
N SER A 114 38.93 0.06 13.75
CA SER A 114 37.91 -0.94 13.46
C SER A 114 38.22 -1.62 12.13
N PRO A 115 37.81 -2.88 11.96
CA PRO A 115 38.07 -3.55 10.68
C PRO A 115 37.28 -2.96 9.54
N VAL A 116 36.05 -2.51 9.79
CA VAL A 116 35.18 -1.95 8.76
C VAL A 116 35.01 -0.46 9.05
N PHE A 117 36.09 0.20 9.46
CA PHE A 117 36.01 1.60 9.86
C PHE A 117 35.56 2.46 8.69
N ILE A 118 34.59 3.33 8.93
CA ILE A 118 34.09 4.29 7.96
C ILE A 118 34.55 5.67 8.42
N ALA A 119 35.27 6.37 7.55
CA ALA A 119 35.95 7.60 7.94
C ALA A 119 35.21 8.87 7.56
N GLN A 120 34.24 8.78 6.65
CA GLN A 120 33.55 9.96 6.14
C GLN A 120 32.45 10.47 7.08
N VAL A 121 32.42 10.01 8.33
CA VAL A 121 31.37 10.45 9.24
C VAL A 121 31.74 11.78 9.87
N GLY A 122 32.91 11.85 10.49
CA GLY A 122 33.33 13.05 11.19
C GLY A 122 33.69 12.75 12.63
N GLN A 123 34.94 13.03 13.00
CA GLN A 123 35.38 12.73 14.36
C GLN A 123 34.50 13.43 15.40
N ASP A 124 33.86 14.53 15.04
CA ASP A 124 32.96 15.20 15.97
C ASP A 124 31.67 14.39 16.15
N LEU A 125 31.11 13.88 15.05
CA LEU A 125 29.82 13.20 15.14
C LEU A 125 29.94 11.87 15.86
N VAL A 126 31.01 11.12 15.60
CA VAL A 126 31.19 9.85 16.29
C VAL A 126 31.19 10.08 17.80
N SER A 127 31.88 11.12 18.27
CA SER A 127 31.88 11.42 19.69
C SER A 127 30.52 11.97 20.14
N GLN A 128 29.94 12.86 19.34
CA GLN A 128 28.60 13.35 19.63
C GLN A 128 27.62 12.20 19.78
N THR A 129 27.71 11.20 18.89
CA THR A 129 26.88 10.02 18.98
C THR A 129 27.34 9.07 20.09
N GLU A 130 28.62 9.13 20.47
CA GLU A 130 29.11 8.22 21.50
C GLU A 130 28.52 8.56 22.87
N GLU A 131 28.46 9.85 23.21
CA GLU A 131 27.86 10.25 24.48
C GLU A 131 26.37 9.92 24.52
N LYS A 132 25.69 9.98 23.37
CA LYS A 132 24.25 9.74 23.35
C LYS A 132 23.90 8.33 23.82
N LEU A 133 24.83 7.38 23.70
CA LEU A 133 24.52 6.01 24.08
C LEU A 133 24.51 5.82 25.59
N LEU A 134 25.41 6.51 26.30
CA LEU A 134 25.37 6.46 27.76
C LEU A 134 24.07 7.08 28.28
N GLN A 135 23.53 8.06 27.57
CA GLN A 135 22.30 8.73 28.00
C GLN A 135 21.13 7.77 28.01
N LYS A 136 20.74 7.26 26.84
CA LYS A 136 19.55 6.42 26.72
C LYS A 136 19.61 5.68 25.40
N PRO A 137 19.21 4.42 25.35
CA PRO A 137 19.17 3.71 24.04
C PRO A 137 17.97 4.17 23.23
N CYS A 138 18.22 4.52 21.97
CA CYS A 138 17.18 5.01 21.07
C CYS A 138 17.46 4.54 19.66
N LYS A 139 16.40 4.05 18.99
CA LYS A 139 16.55 3.53 17.64
C LYS A 139 17.02 4.59 16.65
N GLU A 140 16.87 5.88 16.98
CA GLU A 140 17.25 6.97 16.10
C GLU A 140 18.61 7.55 16.47
N LEU A 141 19.48 6.75 17.10
CA LEU A 141 20.77 7.25 17.55
C LEU A 141 21.67 7.57 16.36
N PHE A 142 21.75 6.66 15.40
CA PHE A 142 22.64 6.81 14.26
C PHE A 142 21.98 7.58 13.12
N SER A 143 20.91 8.32 13.39
CA SER A 143 20.26 9.09 12.33
C SER A 143 21.25 10.06 11.68
N ALA A 144 22.00 10.81 12.48
CA ALA A 144 22.96 11.74 11.92
C ALA A 144 24.12 11.00 11.25
N CYS A 145 24.58 9.90 11.85
CA CYS A 145 25.66 9.13 11.26
C CYS A 145 25.29 8.63 9.88
N ALA A 146 24.18 7.91 9.77
CA ALA A 146 23.73 7.39 8.49
C ALA A 146 23.52 8.51 7.48
N GLN A 147 23.11 9.69 7.95
CA GLN A 147 22.95 10.83 7.06
C GLN A 147 24.30 11.26 6.51
N SER A 148 25.31 11.38 7.38
CA SER A 148 26.64 11.76 6.94
C SER A 148 27.15 10.82 5.84
N VAL A 149 26.79 9.54 5.91
CA VAL A 149 27.18 8.61 4.87
C VAL A 149 26.46 8.94 3.56
N HIS A 150 25.16 9.22 3.64
CA HIS A 150 24.42 9.58 2.44
C HIS A 150 24.96 10.87 1.83
N GLU A 151 25.56 11.75 2.63
CA GLU A 151 26.13 12.97 2.09
C GLU A 151 27.40 12.68 1.30
N TYR A 152 28.15 11.64 1.69
CA TYR A 152 29.35 11.25 0.96
C TYR A 152 28.98 10.39 -0.25
N LEU A 153 28.08 9.41 -0.05
CA LEU A 153 27.73 8.51 -1.15
C LEU A 153 27.13 9.28 -2.34
N ARG A 154 26.40 10.35 -2.06
CA ARG A 154 25.76 11.10 -3.14
C ARG A 154 26.74 11.97 -3.90
N GLY A 155 28.01 11.99 -3.52
CA GLY A 155 29.01 12.77 -4.23
C GLY A 155 29.78 11.94 -5.25
N GLU A 156 31.04 11.64 -4.94
CA GLU A 156 31.84 10.88 -5.89
C GLU A 156 31.28 9.49 -6.14
N PRO A 157 31.02 8.68 -5.11
CA PRO A 157 30.49 7.32 -5.38
C PRO A 157 29.30 7.34 -6.32
N PHE A 158 28.39 8.29 -6.13
CA PHE A 158 27.21 8.38 -7.00
C PHE A 158 27.63 8.60 -8.44
N HIS A 159 28.49 9.59 -8.69
CA HIS A 159 28.90 9.90 -10.05
C HIS A 159 29.77 8.79 -10.66
N GLU A 160 30.54 8.09 -9.84
CA GLU A 160 31.26 6.93 -10.35
C GLU A 160 30.27 5.82 -10.74
N TYR A 161 29.18 5.68 -9.96
CA TYR A 161 28.17 4.69 -10.30
C TYR A 161 27.48 5.02 -11.61
N LEU A 162 27.21 6.30 -11.85
CA LEU A 162 26.56 6.71 -13.09
C LEU A 162 27.43 6.45 -14.32
N ASP A 163 28.73 6.24 -14.14
CA ASP A 163 29.61 5.93 -15.25
C ASP A 163 29.81 4.44 -15.46
N SER A 164 29.33 3.62 -14.54
CA SER A 164 29.65 2.20 -14.53
C SER A 164 28.62 1.40 -15.31
N MET A 165 28.93 0.12 -15.51
CA MET A 165 28.01 -0.77 -16.22
C MET A 165 26.75 -1.06 -15.40
N PHE A 166 26.78 -0.79 -14.09
CA PHE A 166 25.60 -1.05 -13.27
C PHE A 166 24.51 -0.04 -13.53
N PHE A 167 24.88 1.21 -13.78
CA PHE A 167 23.87 2.21 -14.11
C PHE A 167 23.35 2.00 -15.53
N ASP A 168 24.24 1.63 -16.46
CA ASP A 168 23.77 1.21 -17.77
C ASP A 168 22.74 0.10 -17.63
N ARG A 169 23.03 -0.89 -16.79
CA ARG A 169 22.07 -1.98 -16.56
C ARG A 169 20.75 -1.43 -16.02
N PHE A 170 20.84 -0.42 -15.15
CA PHE A 170 19.61 0.20 -14.65
C PHE A 170 18.78 0.79 -15.78
N LEU A 171 19.43 1.48 -16.72
CA LEU A 171 18.71 1.98 -17.88
C LEU A 171 18.02 0.84 -18.63
N GLN A 172 18.71 -0.30 -18.78
CA GLN A 172 18.09 -1.43 -19.44
C GLN A 172 16.83 -1.84 -18.70
N TRP A 173 16.92 -1.96 -17.36
CA TRP A 173 15.73 -2.28 -16.58
C TRP A 173 14.64 -1.24 -16.79
N LYS A 174 15.04 0.04 -16.81
CA LYS A 174 14.06 1.11 -17.05
C LYS A 174 13.46 1.04 -18.44
N TRP A 175 14.20 0.51 -19.42
CA TRP A 175 13.62 0.34 -20.76
C TRP A 175 12.47 -0.67 -20.73
N LEU A 176 12.63 -1.77 -19.99
CA LEU A 176 11.55 -2.74 -19.83
C LEU A 176 10.39 -2.15 -19.04
N GLU A 177 10.70 -1.37 -17.99
CA GLU A 177 9.65 -0.73 -17.21
C GLU A 177 8.74 0.14 -18.09
N ARG A 178 9.31 0.81 -19.07
CA ARG A 178 8.54 1.70 -19.94
C ARG A 178 7.66 0.94 -20.95
N GLN A 179 7.88 -0.36 -21.14
CA GLN A 179 7.17 -1.06 -22.19
C GLN A 179 5.66 -0.98 -21.98
N PRO A 180 4.89 -0.91 -23.06
CA PRO A 180 3.44 -0.75 -22.92
C PRO A 180 2.80 -1.94 -22.23
N VAL A 181 1.64 -1.69 -21.63
CA VAL A 181 0.86 -2.70 -20.96
C VAL A 181 -0.46 -2.83 -21.68
N THR A 182 -0.90 -4.08 -21.85
CA THR A 182 -2.16 -4.39 -22.54
C THR A 182 -2.84 -5.53 -21.81
N LYS A 183 -4.07 -5.84 -22.24
CA LYS A 183 -4.77 -7.01 -21.71
C LYS A 183 -3.90 -8.26 -21.79
N ASN A 184 -3.06 -8.36 -22.83
CA ASN A 184 -2.11 -9.47 -22.93
C ASN A 184 -1.23 -9.58 -21.70
N THR A 185 -0.85 -8.43 -21.12
CA THR A 185 0.09 -8.45 -20.01
C THR A 185 -0.39 -9.31 -18.86
N PHE A 186 -1.72 -9.40 -18.66
CA PHE A 186 -2.29 -10.13 -17.55
C PHE A 186 -3.18 -11.28 -18.02
N ARG A 187 -3.47 -12.20 -17.10
CA ARG A 187 -4.49 -13.22 -17.27
C ARG A 187 -5.49 -13.06 -16.12
N GLN A 188 -6.77 -13.01 -16.47
CA GLN A 188 -7.83 -12.71 -15.51
C GLN A 188 -8.37 -13.97 -14.87
N TYR A 189 -8.74 -13.86 -13.60
CA TYR A 189 -9.33 -14.97 -12.85
C TYR A 189 -10.72 -14.56 -12.36
N ARG A 190 -11.25 -15.30 -11.40
CA ARG A 190 -12.63 -15.12 -10.99
C ARG A 190 -12.86 -13.70 -10.47
N VAL A 191 -14.12 -13.27 -10.54
CA VAL A 191 -14.52 -12.00 -9.95
C VAL A 191 -14.52 -12.12 -8.43
N LEU A 192 -13.96 -11.12 -7.76
CA LEU A 192 -13.89 -11.11 -6.30
C LEU A 192 -14.90 -10.16 -5.66
N GLY A 193 -15.52 -9.28 -6.44
CA GLY A 193 -16.47 -8.34 -5.89
C GLY A 193 -16.97 -7.30 -6.86
N LYS A 194 -18.20 -6.85 -6.67
CA LYS A 194 -18.76 -5.75 -7.44
C LYS A 194 -18.52 -4.44 -6.71
N GLY A 195 -18.18 -3.40 -7.46
CA GLY A 195 -17.96 -2.11 -6.86
C GLY A 195 -17.64 -1.02 -7.87
N GLY A 196 -18.24 0.15 -7.68
CA GLY A 196 -17.91 1.28 -8.52
C GLY A 196 -18.52 1.16 -9.90
N PHE A 197 -17.69 1.37 -10.91
CA PHE A 197 -18.14 1.36 -12.31
C PHE A 197 -17.89 0.03 -12.99
N GLY A 198 -17.39 -0.96 -12.28
CA GLY A 198 -17.14 -2.27 -12.86
C GLY A 198 -17.05 -3.32 -11.79
N GLU A 199 -16.20 -4.32 -12.03
CA GLU A 199 -16.05 -5.44 -11.12
C GLU A 199 -14.58 -5.64 -10.80
N VAL A 200 -14.32 -6.20 -9.63
CA VAL A 200 -12.98 -6.50 -9.16
C VAL A 200 -12.76 -8.01 -9.31
N CYS A 201 -11.67 -8.36 -9.97
CA CYS A 201 -11.33 -9.77 -10.16
C CYS A 201 -9.83 -9.96 -10.00
N ALA A 202 -9.42 -11.17 -9.62
CA ALA A 202 -8.02 -11.50 -9.51
C ALA A 202 -7.39 -11.65 -10.89
N CYS A 203 -6.16 -11.17 -11.02
CA CYS A 203 -5.41 -11.28 -12.27
C CYS A 203 -3.96 -11.64 -11.94
N GLN A 204 -3.20 -11.94 -12.99
CA GLN A 204 -1.81 -12.37 -12.82
C GLN A 204 -0.99 -11.94 -14.02
N VAL A 205 0.18 -11.35 -13.75
CA VAL A 205 1.09 -10.95 -14.82
C VAL A 205 1.65 -12.21 -15.45
N ARG A 206 1.50 -12.33 -16.77
CA ARG A 206 1.92 -13.56 -17.45
C ARG A 206 3.43 -13.74 -17.39
N ALA A 207 4.17 -12.64 -17.46
CA ALA A 207 5.62 -12.75 -17.53
C ALA A 207 6.23 -13.07 -16.17
N THR A 208 5.70 -12.47 -15.10
CA THR A 208 6.34 -12.60 -13.80
C THR A 208 5.60 -13.54 -12.88
N GLY A 209 4.28 -13.69 -13.04
CA GLY A 209 3.49 -14.57 -12.20
C GLY A 209 2.94 -13.94 -10.93
N LYS A 210 3.22 -12.66 -10.69
CA LYS A 210 2.75 -12.03 -9.48
C LYS A 210 1.23 -11.82 -9.54
N MET A 211 0.56 -12.10 -8.42
CA MET A 211 -0.89 -11.95 -8.34
C MET A 211 -1.25 -10.51 -8.02
N TYR A 212 -2.30 -10.03 -8.68
CA TYR A 212 -2.86 -8.71 -8.41
C TYR A 212 -4.38 -8.81 -8.36
N ALA A 213 -5.03 -7.68 -8.10
CA ALA A 213 -6.47 -7.52 -8.27
C ALA A 213 -6.70 -6.45 -9.33
N CYS A 214 -7.61 -6.76 -10.26
CA CYS A 214 -7.90 -5.86 -11.37
C CYS A 214 -9.27 -5.24 -11.13
N LYS A 215 -9.26 -3.97 -10.74
CA LYS A 215 -10.50 -3.21 -10.52
C LYS A 215 -10.89 -2.60 -11.87
N ARG A 216 -11.92 -3.15 -12.50
CA ARG A 216 -12.34 -2.70 -13.81
C ARG A 216 -13.30 -1.54 -13.71
N LEU A 217 -13.14 -0.55 -14.62
CA LEU A 217 -13.97 0.64 -14.67
C LEU A 217 -14.56 0.70 -16.08
N GLU A 218 -15.80 0.24 -16.22
CA GLU A 218 -16.40 0.12 -17.55
C GLU A 218 -16.64 1.50 -18.14
N LYS A 219 -16.11 1.71 -19.36
CA LYS A 219 -16.22 3.02 -20.00
C LYS A 219 -17.66 3.47 -20.09
N LYS A 220 -18.54 2.61 -20.61
CA LYS A 220 -19.94 3.00 -20.80
C LYS A 220 -20.58 3.42 -19.48
N ARG A 221 -20.14 2.87 -18.36
CA ARG A 221 -20.75 3.19 -17.07
C ARG A 221 -20.26 4.53 -16.54
N ILE A 222 -19.02 4.90 -16.80
CA ILE A 222 -18.52 6.19 -16.35
C ILE A 222 -19.26 7.32 -17.06
N LYS A 223 -19.32 7.27 -18.40
CA LYS A 223 -19.98 8.33 -19.14
C LYS A 223 -21.44 8.46 -18.72
N LYS A 224 -22.12 7.33 -18.53
CA LYS A 224 -23.54 7.37 -18.20
C LYS A 224 -23.79 7.99 -16.83
N ARG A 225 -22.80 7.99 -15.95
CA ARG A 225 -22.93 8.57 -14.61
C ARG A 225 -22.03 9.78 -14.39
N LYS A 226 -21.36 10.26 -15.44
CA LYS A 226 -20.52 11.47 -15.35
C LYS A 226 -19.45 11.31 -14.26
N GLY A 227 -19.10 10.08 -13.95
CA GLY A 227 -18.08 9.81 -12.96
C GLY A 227 -16.66 9.89 -13.47
N GLU A 228 -16.45 10.64 -14.54
CA GLU A 228 -15.13 10.72 -15.15
C GLU A 228 -14.11 11.31 -14.17
N SER A 229 -14.40 12.51 -13.65
CA SER A 229 -13.51 13.12 -12.69
C SER A 229 -13.37 12.29 -11.41
N MET A 230 -14.40 11.50 -11.08
CA MET A 230 -14.32 10.65 -9.91
C MET A 230 -13.38 9.47 -10.16
N ALA A 231 -13.44 8.88 -11.36
CA ALA A 231 -12.53 7.79 -11.69
C ALA A 231 -11.09 8.28 -11.73
N LEU A 232 -10.86 9.40 -12.41
CA LEU A 232 -9.51 9.98 -12.46
C LEU A 232 -9.00 10.31 -11.07
N ASN A 233 -9.84 10.94 -10.25
CA ASN A 233 -9.40 11.32 -8.91
C ASN A 233 -8.99 10.09 -8.10
N GLU A 234 -9.74 9.00 -8.22
CA GLU A 234 -9.35 7.78 -7.52
C GLU A 234 -7.96 7.34 -7.95
N LYS A 235 -7.66 7.40 -9.25
CA LYS A 235 -6.37 6.94 -9.74
C LYS A 235 -5.24 7.78 -9.17
N GLN A 236 -5.34 9.11 -9.28
CA GLN A 236 -4.30 9.97 -8.75
C GLN A 236 -4.09 9.71 -7.26
N ILE A 237 -5.19 9.64 -6.49
CA ILE A 237 -5.09 9.45 -5.05
C ILE A 237 -4.32 8.17 -4.73
N LEU A 238 -4.74 7.06 -5.34
CA LEU A 238 -4.03 5.80 -5.14
C LEU A 238 -2.55 5.92 -5.44
N GLU A 239 -2.19 6.81 -6.37
CA GLU A 239 -0.79 6.98 -6.74
C GLU A 239 -0.04 7.80 -5.70
N LYS A 240 -0.62 8.92 -5.27
CA LYS A 240 0.08 9.82 -4.36
C LYS A 240 0.34 9.16 -3.02
N VAL A 241 -0.68 8.51 -2.44
CA VAL A 241 -0.53 7.86 -1.15
C VAL A 241 0.42 6.68 -1.28
N ASN A 242 1.35 6.56 -0.32
CA ASN A 242 2.25 5.41 -0.22
C ASN A 242 2.24 4.97 1.24
N SER A 243 1.23 4.15 1.57
CA SER A 243 1.02 3.68 2.94
C SER A 243 0.94 2.17 2.97
N GLN A 244 1.43 1.58 4.06
CA GLN A 244 1.41 0.14 4.23
C GLN A 244 0.01 -0.40 4.46
N PHE A 245 -0.96 0.47 4.73
CA PHE A 245 -2.33 0.06 5.07
C PHE A 245 -3.34 0.57 4.06
N VAL A 246 -2.91 0.75 2.80
CA VAL A 246 -3.79 1.15 1.72
C VAL A 246 -3.37 0.36 0.49
N VAL A 247 -4.35 -0.04 -0.33
CA VAL A 247 -4.04 -0.78 -1.55
C VAL A 247 -3.12 0.08 -2.41
N ASN A 248 -2.04 -0.52 -2.90
CA ASN A 248 -1.06 0.18 -3.71
C ASN A 248 -1.35 -0.05 -5.19
N LEU A 249 -1.16 0.98 -5.99
CA LEU A 249 -1.41 0.93 -7.42
C LEU A 249 -0.14 0.51 -8.15
N ALA A 250 -0.25 -0.54 -8.97
CA ALA A 250 0.87 -1.03 -9.77
C ALA A 250 0.74 -0.75 -11.26
N TYR A 251 -0.48 -0.81 -11.80
CA TYR A 251 -0.68 -0.49 -13.21
C TYR A 251 -2.00 0.27 -13.34
N ALA A 252 -2.11 1.01 -14.44
CA ALA A 252 -3.36 1.67 -14.82
C ALA A 252 -3.36 1.74 -16.34
N TYR A 253 -4.18 0.92 -16.99
CA TYR A 253 -4.18 0.84 -18.45
C TYR A 253 -5.62 0.87 -18.95
N GLU A 254 -5.76 0.83 -20.28
CA GLU A 254 -7.05 0.97 -20.94
C GLU A 254 -7.33 -0.27 -21.78
N THR A 255 -8.61 -0.58 -21.92
CA THR A 255 -9.08 -1.64 -22.80
C THR A 255 -10.18 -1.07 -23.69
N LYS A 256 -10.64 -1.89 -24.63
CA LYS A 256 -11.64 -1.42 -25.59
C LYS A 256 -12.89 -0.90 -24.87
N ASP A 257 -13.19 -1.43 -23.70
CA ASP A 257 -14.45 -1.13 -23.03
C ASP A 257 -14.32 -0.67 -21.59
N ALA A 258 -13.11 -0.60 -21.05
CA ALA A 258 -12.98 -0.26 -19.64
C ALA A 258 -11.59 0.26 -19.34
N LEU A 259 -11.49 0.99 -18.23
CA LEU A 259 -10.23 1.39 -17.63
C LEU A 259 -9.96 0.49 -16.43
N CYS A 260 -8.69 0.12 -16.26
CA CYS A 260 -8.32 -0.90 -15.28
C CYS A 260 -7.29 -0.37 -14.30
N LEU A 261 -7.47 -0.74 -13.03
CA LEU A 261 -6.55 -0.41 -11.96
C LEU A 261 -6.05 -1.73 -11.38
N VAL A 262 -4.74 -1.95 -11.42
CA VAL A 262 -4.12 -3.15 -10.90
C VAL A 262 -3.62 -2.84 -9.49
N LEU A 263 -4.24 -3.46 -8.49
CA LEU A 263 -4.01 -3.13 -7.10
C LEU A 263 -3.46 -4.33 -6.35
N THR A 264 -2.94 -4.08 -5.15
CA THR A 264 -2.50 -5.16 -4.28
C THR A 264 -3.60 -6.21 -4.16
N ILE A 265 -3.21 -7.48 -4.23
CA ILE A 265 -4.15 -8.58 -4.04
C ILE A 265 -4.21 -8.90 -2.55
N MET A 266 -5.43 -9.01 -2.02
CA MET A 266 -5.69 -9.32 -0.62
C MET A 266 -6.43 -10.65 -0.57
N ASN A 267 -5.68 -11.74 -0.38
CA ASN A 267 -6.24 -13.07 -0.37
C ASN A 267 -6.97 -13.40 0.93
N GLY A 268 -6.92 -12.49 1.91
CA GLY A 268 -7.60 -12.76 3.16
C GLY A 268 -9.07 -12.43 3.16
N GLY A 269 -9.54 -11.68 2.16
CA GLY A 269 -10.94 -11.32 2.11
C GLY A 269 -11.24 -10.07 2.92
N ASP A 270 -12.44 -9.53 2.72
CA ASP A 270 -12.85 -8.30 3.36
C ASP A 270 -13.45 -8.57 4.74
N LEU A 271 -13.45 -7.54 5.57
CA LEU A 271 -13.88 -7.71 6.96
C LEU A 271 -15.39 -7.96 7.05
N LYS A 272 -16.17 -7.41 6.11
CA LYS A 272 -17.60 -7.73 6.10
C LYS A 272 -17.80 -9.23 6.03
N PHE A 273 -17.00 -9.93 5.21
CA PHE A 273 -17.10 -11.38 5.11
C PHE A 273 -16.67 -12.05 6.41
N HIS A 274 -15.56 -11.58 7.01
CA HIS A 274 -15.10 -12.15 8.27
C HIS A 274 -16.00 -11.82 9.45
N ILE A 275 -16.90 -10.84 9.29
CA ILE A 275 -17.81 -10.48 10.38
C ILE A 275 -19.08 -11.29 10.35
N TYR A 276 -19.63 -11.56 9.16
CA TYR A 276 -20.94 -12.17 9.05
C TYR A 276 -20.95 -13.56 8.45
N ASN A 277 -19.97 -13.92 7.61
CA ASN A 277 -19.99 -15.17 6.87
C ASN A 277 -19.05 -16.23 7.45
N MET A 278 -18.55 -16.02 8.69
CA MET A 278 -17.57 -16.92 9.31
C MET A 278 -17.95 -17.10 10.78
N GLY A 279 -18.98 -17.92 11.02
CA GLY A 279 -19.36 -18.21 12.40
C GLY A 279 -20.31 -17.14 12.95
N ASN A 280 -20.19 -16.93 14.27
CA ASN A 280 -21.05 -15.97 14.94
C ASN A 280 -20.74 -14.54 14.48
N PRO A 281 -21.71 -13.62 14.58
CA PRO A 281 -21.47 -12.24 14.13
C PRO A 281 -20.33 -11.60 14.90
N GLY A 282 -19.51 -10.83 14.18
CA GLY A 282 -18.35 -10.19 14.77
C GLY A 282 -17.27 -11.19 15.14
N PHE A 283 -16.26 -10.68 15.83
CA PHE A 283 -15.18 -11.52 16.34
C PHE A 283 -14.64 -10.88 17.60
N GLU A 284 -13.66 -11.54 18.22
CA GLU A 284 -13.16 -11.13 19.52
C GLU A 284 -12.53 -9.73 19.45
N GLU A 285 -12.57 -9.04 20.60
CA GLU A 285 -12.05 -7.68 20.67
C GLU A 285 -10.58 -7.62 20.25
N GLU A 286 -9.81 -8.64 20.60
CA GLU A 286 -8.42 -8.72 20.16
C GLU A 286 -8.30 -8.44 18.67
N ARG A 287 -9.10 -9.13 17.85
CA ARG A 287 -9.03 -8.91 16.41
C ARG A 287 -9.46 -7.50 16.04
N ALA A 288 -10.56 -7.01 16.62
CA ALA A 288 -11.03 -5.67 16.30
C ALA A 288 -9.96 -4.62 16.63
N LEU A 289 -9.27 -4.80 17.77
CA LEU A 289 -8.26 -3.83 18.18
C LEU A 289 -7.14 -3.73 17.16
N PHE A 290 -6.55 -4.87 16.80
CA PHE A 290 -5.49 -4.87 15.79
C PHE A 290 -5.96 -4.19 14.51
N TYR A 291 -7.11 -4.61 13.98
CA TYR A 291 -7.62 -4.03 12.74
C TYR A 291 -7.89 -2.54 12.90
N ALA A 292 -8.57 -2.15 13.99
CA ALA A 292 -8.82 -0.74 14.22
C ALA A 292 -7.51 0.05 14.23
N ALA A 293 -6.45 -0.53 14.80
CA ALA A 293 -5.16 0.15 14.85
C ALA A 293 -4.61 0.37 13.44
N GLU A 294 -4.59 -0.67 12.63
CA GLU A 294 -4.04 -0.54 11.29
C GLU A 294 -4.87 0.44 10.45
N ILE A 295 -6.21 0.34 10.57
CA ILE A 295 -7.06 1.28 9.85
C ILE A 295 -6.74 2.70 10.26
N LEU A 296 -6.49 2.92 11.56
CA LEU A 296 -6.13 4.26 12.02
C LEU A 296 -4.87 4.75 11.31
N CYS A 297 -3.85 3.89 11.23
CA CYS A 297 -2.61 4.27 10.56
C CYS A 297 -2.85 4.54 9.08
N GLY A 298 -3.73 3.76 8.46
CA GLY A 298 -4.05 4.02 7.06
C GLY A 298 -4.77 5.34 6.88
N LEU A 299 -5.69 5.66 7.80
CA LEU A 299 -6.35 6.97 7.76
C LEU A 299 -5.37 8.08 8.05
N GLU A 300 -4.42 7.84 8.98
CA GLU A 300 -3.43 8.86 9.30
C GLU A 300 -2.60 9.23 8.08
N ASP A 301 -2.27 8.24 7.24
CA ASP A 301 -1.48 8.51 6.05
C ASP A 301 -2.30 9.23 5.00
N LEU A 302 -3.59 8.90 4.89
CA LEU A 302 -4.44 9.63 3.96
C LEU A 302 -4.66 11.07 4.43
N HIS A 303 -4.62 11.31 5.74
CA HIS A 303 -4.81 12.65 6.27
C HIS A 303 -3.54 13.50 6.18
N ARG A 304 -2.37 12.89 6.09
CA ARG A 304 -1.14 13.66 5.89
C ARG A 304 -1.21 14.48 4.61
N GLU A 305 -1.70 13.87 3.53
CA GLU A 305 -1.98 14.60 2.31
C GLU A 305 -3.27 15.40 2.38
N ASN A 306 -3.91 15.48 3.56
CA ASN A 306 -5.12 16.27 3.73
C ASN A 306 -6.23 15.77 2.79
N THR A 307 -6.46 14.47 2.84
CA THR A 307 -7.43 13.79 1.99
C THR A 307 -8.35 12.96 2.86
N VAL A 308 -9.65 13.20 2.73
CA VAL A 308 -10.65 12.46 3.49
C VAL A 308 -11.01 11.19 2.71
N TYR A 309 -11.65 10.25 3.41
CA TYR A 309 -12.00 8.95 2.84
C TYR A 309 -13.49 8.83 2.54
N ARG A 310 -14.34 9.07 3.53
CA ARG A 310 -15.80 9.12 3.44
C ARG A 310 -16.43 7.76 3.14
N ASN A 311 -15.65 6.69 3.01
CA ASN A 311 -16.17 5.42 2.52
C ASN A 311 -15.80 4.27 3.45
N LEU A 312 -15.74 4.53 4.75
CA LEU A 312 -15.25 3.54 5.71
C LEU A 312 -16.39 2.60 6.11
N LYS A 313 -16.30 1.36 5.66
CA LYS A 313 -17.24 0.31 6.00
C LYS A 313 -16.52 -1.02 5.90
N PRO A 314 -17.03 -2.08 6.53
CA PRO A 314 -16.24 -3.32 6.62
C PRO A 314 -15.87 -3.90 5.27
N GLU A 315 -16.76 -3.80 4.27
CA GLU A 315 -16.47 -4.39 2.97
C GLU A 315 -15.30 -3.72 2.25
N ASN A 316 -14.87 -2.55 2.71
CA ASN A 316 -13.74 -1.86 2.09
C ASN A 316 -12.44 -2.06 2.85
N ILE A 317 -12.45 -2.84 3.93
CA ILE A 317 -11.22 -3.23 4.64
C ILE A 317 -10.91 -4.67 4.27
N LEU A 318 -9.67 -4.93 3.84
CA LEU A 318 -9.28 -6.22 3.29
C LEU A 318 -8.19 -6.84 4.14
N LEU A 319 -7.96 -8.13 3.95
CA LEU A 319 -6.96 -8.89 4.68
C LEU A 319 -5.99 -9.58 3.72
N ASP A 320 -4.71 -9.48 4.03
CA ASP A 320 -3.67 -10.01 3.17
C ASP A 320 -3.24 -11.39 3.69
N ASP A 321 -2.21 -11.96 3.06
CA ASP A 321 -1.80 -13.32 3.37
C ASP A 321 -1.41 -13.49 4.82
N TYR A 322 -0.83 -12.45 5.43
CA TYR A 322 -0.25 -12.57 6.77
C TYR A 322 -1.22 -12.20 7.87
N GLY A 323 -2.33 -11.52 7.53
CA GLY A 323 -3.27 -11.06 8.51
C GLY A 323 -3.40 -9.56 8.64
N HIS A 324 -2.55 -8.80 7.95
CA HIS A 324 -2.63 -7.34 7.98
C HIS A 324 -3.78 -6.88 7.07
N ILE A 325 -4.11 -5.58 7.17
CA ILE A 325 -5.24 -5.04 6.45
C ILE A 325 -4.82 -3.81 5.66
N ARG A 326 -5.64 -3.50 4.65
CA ARG A 326 -5.48 -2.28 3.87
C ARG A 326 -6.86 -1.70 3.57
N ILE A 327 -6.91 -0.38 3.44
CA ILE A 327 -8.13 0.30 3.04
C ILE A 327 -8.24 0.26 1.52
N SER A 328 -9.45 0.06 1.00
CA SER A 328 -9.67 -0.05 -0.43
C SER A 328 -10.85 0.82 -0.85
N ASP A 329 -10.96 1.05 -2.15
CA ASP A 329 -12.02 1.89 -2.73
C ASP A 329 -11.89 3.33 -2.23
N LEU A 330 -10.83 3.97 -2.76
CA LEU A 330 -10.62 5.39 -2.50
C LEU A 330 -11.39 6.29 -3.48
N GLY A 331 -12.40 5.73 -4.15
CA GLY A 331 -13.14 6.46 -5.16
C GLY A 331 -13.97 7.61 -4.61
N LEU A 332 -14.20 7.63 -3.30
CA LEU A 332 -14.94 8.70 -2.66
C LEU A 332 -14.04 9.69 -1.93
N ALA A 333 -12.73 9.56 -2.05
CA ALA A 333 -11.79 10.44 -1.37
C ALA A 333 -11.48 11.67 -2.23
N VAL A 334 -11.27 12.79 -1.56
CA VAL A 334 -10.91 14.04 -2.23
C VAL A 334 -9.88 14.77 -1.37
N LYS A 335 -8.91 15.42 -2.02
CA LYS A 335 -7.96 16.26 -1.32
C LYS A 335 -8.61 17.59 -0.98
N ILE A 336 -8.40 18.06 0.24
CA ILE A 336 -9.08 19.22 0.78
C ILE A 336 -8.23 20.47 0.51
N PRO A 337 -8.82 21.58 0.07
CA PRO A 337 -8.11 22.87 0.16
C PRO A 337 -8.03 23.30 1.61
N GLU A 338 -6.83 23.65 2.05
CA GLU A 338 -6.60 23.89 3.47
C GLU A 338 -7.47 25.02 3.99
N GLY A 339 -8.22 24.73 5.05
CA GLY A 339 -9.03 25.75 5.68
C GLY A 339 -10.40 25.96 5.07
N ASP A 340 -10.98 24.91 4.46
CA ASP A 340 -12.27 25.01 3.82
C ASP A 340 -13.04 23.72 4.05
N LEU A 341 -14.37 23.83 3.98
CA LEU A 341 -15.26 22.70 4.16
C LEU A 341 -15.93 22.36 2.83
N ILE A 342 -16.31 21.09 2.67
CA ILE A 342 -16.91 20.61 1.44
C ILE A 342 -18.32 20.12 1.74
N ARG A 343 -19.21 20.33 0.78
CA ARG A 343 -20.57 19.82 0.81
C ARG A 343 -20.67 18.62 -0.13
N GLY A 344 -20.99 17.46 0.43
CA GLY A 344 -21.12 16.26 -0.37
C GLY A 344 -22.07 15.27 0.26
N ARG A 345 -23.17 14.98 -0.41
CA ARG A 345 -24.15 14.01 0.07
C ARG A 345 -23.77 12.59 -0.33
N VAL A 346 -22.53 12.21 -0.05
CA VAL A 346 -22.00 10.92 -0.44
C VAL A 346 -21.85 10.04 0.79
N GLY A 347 -21.76 8.74 0.56
CA GLY A 347 -21.61 7.76 1.61
C GLY A 347 -22.58 6.62 1.42
N THR A 348 -22.47 5.66 2.32
CA THR A 348 -23.31 4.47 2.30
C THR A 348 -24.38 4.55 3.39
N VAL A 349 -25.50 3.86 3.15
CA VAL A 349 -26.62 3.92 4.09
C VAL A 349 -26.18 3.35 5.43
N GLY A 350 -26.39 4.13 6.49
CA GLY A 350 -25.98 3.73 7.82
C GLY A 350 -24.50 3.91 8.13
N TYR A 351 -23.73 4.49 7.21
CA TYR A 351 -22.31 4.74 7.42
C TYR A 351 -21.94 6.19 7.17
N MET A 352 -22.92 7.08 7.04
CA MET A 352 -22.67 8.51 6.84
C MET A 352 -22.73 9.23 8.17
N ALA A 353 -21.85 10.21 8.34
CA ALA A 353 -21.82 10.99 9.58
C ALA A 353 -22.97 11.98 9.62
N PRO A 354 -23.33 12.45 10.82
CA PRO A 354 -24.45 13.41 10.92
C PRO A 354 -24.26 14.66 10.07
N GLU A 355 -23.00 15.09 9.86
CA GLU A 355 -22.77 16.28 9.04
C GLU A 355 -23.14 16.02 7.59
N VAL A 356 -22.81 14.84 7.08
CA VAL A 356 -23.03 14.54 5.67
C VAL A 356 -24.51 14.34 5.39
N LEU A 357 -25.29 13.92 6.40
CA LEU A 357 -26.69 13.62 6.17
C LEU A 357 -27.56 14.87 6.06
N ASN A 358 -27.11 15.99 6.62
CA ASN A 358 -27.84 17.26 6.54
C ASN A 358 -27.37 18.12 5.36
N ASN A 359 -26.64 17.53 4.41
CA ASN A 359 -26.05 18.27 3.30
C ASN A 359 -25.26 19.48 3.82
N GLN A 360 -24.51 19.24 4.90
CA GLN A 360 -23.78 20.29 5.59
C GLN A 360 -22.30 20.21 5.25
N ARG A 361 -21.62 21.35 5.34
CA ARG A 361 -20.19 21.41 5.08
C ARG A 361 -19.42 20.65 6.15
N TYR A 362 -18.35 19.98 5.73
CA TYR A 362 -17.56 19.17 6.65
C TYR A 362 -16.11 19.15 6.21
N GLY A 363 -15.26 18.54 7.05
CA GLY A 363 -13.85 18.42 6.79
C GLY A 363 -13.35 16.99 6.90
N LEU A 364 -12.36 16.76 7.77
CA LEU A 364 -11.84 15.42 8.00
C LEU A 364 -12.70 14.61 8.99
N SER A 365 -13.89 15.09 9.34
CA SER A 365 -14.63 14.51 10.45
C SER A 365 -15.27 13.17 10.09
N PRO A 366 -15.92 13.04 8.93
CA PRO A 366 -16.67 11.79 8.67
C PRO A 366 -15.83 10.54 8.75
N ASP A 367 -14.50 10.65 8.72
CA ASP A 367 -13.67 9.45 8.77
C ASP A 367 -13.67 8.83 10.16
N TYR A 368 -13.57 9.67 11.20
CA TYR A 368 -13.55 9.14 12.56
C TYR A 368 -14.92 8.64 13.00
N TRP A 369 -16.00 9.19 12.42
CA TRP A 369 -17.30 8.56 12.57
C TRP A 369 -17.29 7.12 12.05
N GLY A 370 -16.62 6.90 10.91
CA GLY A 370 -16.55 5.56 10.35
C GLY A 370 -15.69 4.62 11.17
N LEU A 371 -14.56 5.11 11.66
CA LEU A 371 -13.71 4.29 12.53
C LEU A 371 -14.51 3.76 13.71
N GLY A 372 -15.26 4.64 14.38
CA GLY A 372 -16.12 4.19 15.47
C GLY A 372 -17.16 3.19 15.00
N CYS A 373 -17.71 3.42 13.80
CA CYS A 373 -18.70 2.49 13.26
C CYS A 373 -18.09 1.11 13.09
N LEU A 374 -16.86 1.04 12.60
CA LEU A 374 -16.23 -0.26 12.36
C LEU A 374 -15.93 -0.98 13.67
N ILE A 375 -15.35 -0.27 14.64
CA ILE A 375 -15.04 -0.91 15.91
C ILE A 375 -16.33 -1.50 16.51
N TYR A 376 -17.40 -0.70 16.52
CA TYR A 376 -18.67 -1.19 17.05
C TYR A 376 -19.13 -2.41 16.29
N GLU A 377 -19.14 -2.33 14.96
CA GLU A 377 -19.68 -3.43 14.17
C GLU A 377 -18.84 -4.69 14.31
N MET A 378 -17.51 -4.55 14.39
CA MET A 378 -16.67 -5.73 14.55
C MET A 378 -16.97 -6.44 15.87
N ILE A 379 -17.23 -5.67 16.93
CA ILE A 379 -17.42 -6.27 18.24
C ILE A 379 -18.86 -6.75 18.41
N GLU A 380 -19.82 -5.88 18.08
CA GLU A 380 -21.24 -6.21 18.29
C GLU A 380 -21.80 -7.12 17.21
N GLY A 381 -21.21 -7.11 16.02
CA GLY A 381 -21.72 -7.93 14.95
C GLY A 381 -22.92 -7.34 14.26
N GLN A 382 -23.04 -6.02 14.23
CA GLN A 382 -24.13 -5.34 13.54
C GLN A 382 -23.80 -3.87 13.46
N SER A 383 -24.50 -3.17 12.56
CA SER A 383 -24.31 -1.74 12.43
C SER A 383 -24.79 -1.04 13.71
N PRO A 384 -24.22 0.13 14.03
CA PRO A 384 -24.63 0.83 15.26
C PRO A 384 -26.03 1.43 15.16
N PHE A 385 -26.61 1.48 13.96
CA PHE A 385 -27.93 2.08 13.78
C PHE A 385 -28.85 1.23 12.90
N ARG A 386 -28.49 -0.02 12.62
CA ARG A 386 -29.30 -0.90 11.79
C ARG A 386 -29.12 -2.34 12.27
N GLY A 387 -30.21 -3.10 12.21
CA GLY A 387 -30.15 -4.49 12.62
C GLY A 387 -29.26 -5.32 11.71
N ARG A 388 -29.05 -6.57 12.13
CA ARG A 388 -28.20 -7.47 11.36
C ARG A 388 -28.78 -7.72 9.97
N LYS A 389 -30.02 -8.19 9.91
CA LYS A 389 -30.75 -8.37 8.66
C LYS A 389 -32.15 -7.75 8.81
N GLU A 390 -32.17 -6.46 9.07
CA GLU A 390 -33.38 -5.71 9.32
C GLU A 390 -33.69 -4.83 8.12
N LYS A 391 -34.97 -4.82 7.71
CA LYS A 391 -35.41 -4.03 6.58
C LYS A 391 -35.92 -2.69 7.07
N VAL A 392 -35.16 -1.63 6.79
CA VAL A 392 -35.59 -0.27 7.11
C VAL A 392 -35.49 0.57 5.84
N LYS A 393 -36.56 1.30 5.54
CA LYS A 393 -36.48 2.33 4.51
C LYS A 393 -35.44 3.36 4.92
N ARG A 394 -34.58 3.70 3.95
CA ARG A 394 -33.46 4.59 4.20
C ARG A 394 -33.82 5.70 5.16
N GLU A 395 -35.00 6.31 5.00
CA GLU A 395 -35.36 7.51 5.76
C GLU A 395 -35.14 7.32 7.25
N GLU A 396 -35.43 6.13 7.78
CA GLU A 396 -35.33 5.93 9.22
C GLU A 396 -33.87 5.74 9.65
N VAL A 397 -33.15 4.82 9.00
CA VAL A 397 -31.74 4.63 9.35
C VAL A 397 -31.05 6.00 9.42
N ASP A 398 -31.28 6.83 8.40
CA ASP A 398 -30.75 8.19 8.42
C ASP A 398 -31.15 8.91 9.70
N ARG A 399 -32.45 8.91 10.01
CA ARG A 399 -32.93 9.56 11.22
C ARG A 399 -32.17 9.07 12.44
N ARG A 400 -32.05 7.75 12.58
CA ARG A 400 -31.40 7.18 13.76
C ARG A 400 -29.99 7.74 13.93
N VAL A 401 -29.24 7.84 12.84
CA VAL A 401 -27.87 8.36 12.92
C VAL A 401 -27.88 9.74 13.55
N LEU A 402 -28.94 10.51 13.32
CA LEU A 402 -29.00 11.90 13.80
C LEU A 402 -29.69 12.00 15.15
N GLU A 403 -30.79 11.29 15.35
CA GLU A 403 -31.60 11.44 16.54
C GLU A 403 -31.27 10.41 17.62
N THR A 404 -31.39 9.13 17.30
CA THR A 404 -31.22 8.08 18.30
C THR A 404 -29.75 7.82 18.57
N GLU A 405 -29.47 7.37 19.80
CA GLU A 405 -28.12 7.02 20.23
C GLU A 405 -27.94 5.50 20.16
N GLU A 406 -26.69 5.09 20.00
CA GLU A 406 -26.39 3.66 19.88
C GLU A 406 -26.53 2.97 21.23
N VAL A 407 -26.60 1.64 21.18
CA VAL A 407 -26.75 0.80 22.36
C VAL A 407 -25.60 -0.19 22.41
N TYR A 408 -25.05 -0.42 23.60
CA TYR A 408 -23.93 -1.33 23.80
C TYR A 408 -24.38 -2.50 24.64
N SER A 409 -23.63 -3.60 24.54
CA SER A 409 -23.98 -4.85 25.19
C SER A 409 -22.80 -5.35 26.02
N HIS A 410 -22.99 -6.53 26.61
CA HIS A 410 -21.93 -7.15 27.40
C HIS A 410 -20.73 -7.55 26.54
N LYS A 411 -20.90 -7.58 25.22
CA LYS A 411 -19.76 -7.91 24.35
C LYS A 411 -18.67 -6.85 24.42
N PHE A 412 -19.05 -5.61 24.74
CA PHE A 412 -18.12 -4.49 24.75
C PHE A 412 -17.38 -4.42 26.09
N SER A 413 -16.06 -4.30 26.02
CA SER A 413 -15.28 -3.93 27.19
C SER A 413 -15.44 -2.43 27.47
N GLU A 414 -15.11 -2.04 28.70
CA GLU A 414 -15.24 -0.63 29.06
C GLU A 414 -14.49 0.27 28.08
N GLU A 415 -13.29 -0.14 27.65
CA GLU A 415 -12.50 0.70 26.77
C GLU A 415 -13.07 0.69 25.35
N ALA A 416 -13.51 -0.47 24.88
CA ALA A 416 -14.17 -0.54 23.58
C ALA A 416 -15.42 0.32 23.55
N LYS A 417 -16.23 0.25 24.62
CA LYS A 417 -17.43 1.08 24.69
C LYS A 417 -17.06 2.56 24.70
N SER A 418 -15.95 2.91 25.35
CA SER A 418 -15.57 4.31 25.47
C SER A 418 -15.09 4.87 24.13
N ILE A 419 -14.20 4.14 23.45
CA ILE A 419 -13.66 4.65 22.20
C ILE A 419 -14.76 4.79 21.16
N CYS A 420 -15.75 3.88 21.19
CA CYS A 420 -16.85 3.98 20.25
C CYS A 420 -17.70 5.22 20.50
N LYS A 421 -18.19 5.39 21.73
CA LYS A 421 -18.99 6.56 22.05
C LYS A 421 -18.24 7.85 21.72
N MET A 422 -16.93 7.88 22.00
CA MET A 422 -16.16 9.10 21.72
C MET A 422 -15.93 9.29 20.23
N LEU A 423 -15.88 8.20 19.46
CA LEU A 423 -15.82 8.31 18.01
C LEU A 423 -17.19 8.48 17.39
N LEU A 424 -18.25 8.06 18.08
CA LEU A 424 -19.62 8.14 17.58
C LEU A 424 -20.37 9.29 18.24
N THR A 425 -19.75 10.46 18.32
CA THR A 425 -20.40 11.66 18.85
C THR A 425 -21.08 12.40 17.70
N LYS A 426 -22.36 12.76 17.91
CA LYS A 426 -23.11 13.41 16.83
C LYS A 426 -22.50 14.76 16.48
N ASP A 427 -22.03 15.50 17.48
CA ASP A 427 -21.42 16.82 17.27
C ASP A 427 -19.98 16.63 16.81
N ALA A 428 -19.71 16.95 15.54
CA ALA A 428 -18.39 16.73 14.99
C ALA A 428 -17.31 17.56 15.69
N LYS A 429 -17.69 18.65 16.36
CA LYS A 429 -16.70 19.49 17.01
C LYS A 429 -16.05 18.78 18.19
N GLN A 430 -16.84 18.00 18.95
CA GLN A 430 -16.31 17.30 20.11
C GLN A 430 -16.23 15.80 19.85
N ARG A 431 -15.67 15.42 18.70
CA ARG A 431 -15.51 14.02 18.32
C ARG A 431 -14.05 13.61 18.46
N LEU A 432 -13.82 12.41 18.98
CA LEU A 432 -12.46 11.91 19.17
C LEU A 432 -11.74 11.87 17.84
N GLY A 433 -10.52 12.42 17.83
CA GLY A 433 -9.70 12.46 16.65
C GLY A 433 -9.93 13.66 15.76
N CYS A 434 -11.13 14.23 15.80
CA CYS A 434 -11.46 15.39 15.00
C CYS A 434 -10.93 16.70 15.59
N GLN A 435 -10.08 16.63 16.60
CA GLN A 435 -9.50 17.82 17.19
C GLN A 435 -8.24 18.20 16.43
N GLU A 436 -7.57 19.26 16.91
CA GLU A 436 -6.38 19.74 16.21
C GLU A 436 -5.26 18.72 16.25
N GLU A 437 -5.25 17.84 17.27
CA GLU A 437 -4.23 16.80 17.33
C GLU A 437 -4.33 15.81 16.17
N GLY A 438 -5.54 15.49 15.76
CA GLY A 438 -5.75 14.53 14.68
C GLY A 438 -5.81 13.12 15.24
N ALA A 439 -5.10 12.20 14.58
CA ALA A 439 -5.12 10.81 15.00
C ALA A 439 -4.33 10.59 16.28
N ALA A 440 -3.58 11.57 16.74
CA ALA A 440 -2.82 11.40 17.97
C ALA A 440 -3.75 11.19 19.17
N GLU A 441 -4.83 11.98 19.25
CA GLU A 441 -5.76 11.83 20.35
C GLU A 441 -6.38 10.43 20.38
N VAL A 442 -6.50 9.80 19.22
CA VAL A 442 -7.12 8.48 19.15
C VAL A 442 -6.12 7.39 19.54
N LYS A 443 -4.86 7.55 19.16
CA LYS A 443 -3.85 6.54 19.50
C LYS A 443 -3.68 6.38 21.01
N ARG A 444 -4.08 7.37 21.79
CA ARG A 444 -3.88 7.33 23.23
C ARG A 444 -5.07 6.77 23.99
N HIS A 445 -6.21 6.58 23.34
CA HIS A 445 -7.40 6.13 24.06
C HIS A 445 -7.09 4.84 24.81
N PRO A 446 -7.66 4.64 25.99
CA PRO A 446 -7.40 3.38 26.71
C PRO A 446 -7.59 2.14 25.85
N PHE A 447 -8.51 2.18 24.89
CA PHE A 447 -8.68 1.03 23.98
C PHE A 447 -7.34 0.60 23.40
N PHE A 448 -6.47 1.55 23.08
CA PHE A 448 -5.13 1.24 22.59
C PHE A 448 -4.11 1.42 23.73
N ARG A 449 -4.23 0.57 24.74
CA ARG A 449 -3.29 0.61 25.86
C ARG A 449 -2.12 -0.35 25.66
N ASN A 450 -2.36 -1.50 25.04
CA ASN A 450 -1.32 -2.48 24.77
C ASN A 450 -0.89 -2.48 23.32
N MET A 451 -1.28 -1.47 22.55
CA MET A 451 -0.94 -1.40 21.13
C MET A 451 0.17 -0.37 20.93
N ASN A 452 1.39 -0.85 20.73
CA ASN A 452 2.54 0.00 20.42
C ASN A 452 2.45 0.43 18.96
N PHE A 453 1.80 1.57 18.73
CA PHE A 453 1.55 2.01 17.36
C PHE A 453 2.86 2.18 16.59
N LYS A 454 3.88 2.73 17.24
CA LYS A 454 5.17 2.87 16.58
C LYS A 454 5.68 1.51 16.11
N ARG A 455 5.43 0.47 16.91
CA ARG A 455 5.86 -0.87 16.54
C ARG A 455 4.93 -1.51 15.52
N LEU A 456 3.68 -1.06 15.44
CA LEU A 456 2.76 -1.57 14.43
C LEU A 456 3.10 -1.00 13.05
N GLU A 457 3.28 0.32 12.98
CA GLU A 457 3.62 0.95 11.71
C GLU A 457 4.90 0.38 11.11
N ALA A 458 5.76 -0.21 11.94
CA ALA A 458 6.98 -0.85 11.43
C ALA A 458 6.69 -2.22 10.84
N GLY A 459 5.81 -2.98 11.48
CA GLY A 459 5.49 -4.31 11.04
C GLY A 459 6.00 -5.42 11.91
N MET A 460 6.36 -5.14 13.15
CA MET A 460 6.91 -6.14 14.05
C MET A 460 5.85 -6.81 14.91
N LEU A 461 4.57 -6.55 14.66
CA LEU A 461 3.48 -7.15 15.43
C LEU A 461 2.79 -8.21 14.61
N ASP A 462 2.70 -9.42 15.16
CA ASP A 462 2.07 -10.53 14.44
C ASP A 462 0.56 -10.36 14.46
N PRO A 463 -0.09 -10.38 13.29
CA PRO A 463 -1.55 -10.32 13.29
C PRO A 463 -2.15 -11.43 14.13
N PRO A 464 -3.36 -11.23 14.64
CA PRO A 464 -3.96 -12.26 15.51
C PRO A 464 -4.58 -13.40 14.72
N PHE A 465 -5.11 -13.12 13.54
CA PHE A 465 -5.79 -14.10 12.70
C PHE A 465 -5.03 -14.22 11.38
N VAL A 466 -4.63 -15.45 11.04
CA VAL A 466 -3.90 -15.73 9.82
C VAL A 466 -4.84 -16.50 8.88
N PRO A 467 -5.13 -15.98 7.69
CA PRO A 467 -6.00 -16.73 6.77
C PRO A 467 -5.30 -17.95 6.19
N ASP A 468 -6.04 -19.05 6.11
CA ASP A 468 -5.50 -20.27 5.51
C ASP A 468 -5.30 -20.06 4.03
N PRO A 469 -4.12 -20.37 3.48
CA PRO A 469 -3.88 -20.07 2.05
C PRO A 469 -4.77 -20.84 1.11
N ARG A 470 -5.25 -22.04 1.50
CA ARG A 470 -6.10 -22.84 0.62
C ARG A 470 -7.58 -22.56 0.84
N ALA A 471 -7.93 -21.36 1.31
CA ALA A 471 -9.31 -20.95 1.47
C ALA A 471 -9.51 -19.61 0.75
N VAL A 472 -10.67 -19.46 0.14
CA VAL A 472 -11.05 -18.23 -0.55
C VAL A 472 -12.06 -17.53 0.35
N TYR A 473 -11.62 -16.48 1.05
CA TYR A 473 -12.45 -15.79 2.03
C TYR A 473 -13.34 -14.74 1.35
N CYS A 474 -14.25 -15.25 0.51
CA CYS A 474 -15.06 -14.37 -0.31
C CYS A 474 -16.32 -15.12 -0.71
N LYS A 475 -17.34 -14.37 -1.10
CA LYS A 475 -18.55 -14.99 -1.62
C LYS A 475 -18.20 -15.77 -2.88
N ASP A 476 -19.01 -16.79 -3.17
CA ASP A 476 -18.83 -17.55 -4.39
C ASP A 476 -19.10 -16.67 -5.60
N VAL A 477 -18.46 -17.03 -6.72
CA VAL A 477 -18.47 -16.18 -7.89
C VAL A 477 -19.89 -15.95 -8.40
N LEU A 478 -20.80 -16.91 -8.17
CA LEU A 478 -22.17 -16.78 -8.64
C LEU A 478 -23.07 -16.04 -7.65
N ASP A 479 -22.58 -15.71 -6.45
CA ASP A 479 -23.35 -14.95 -5.49
C ASP A 479 -22.95 -13.47 -5.45
N ILE A 480 -22.15 -13.02 -6.41
CA ILE A 480 -21.70 -11.63 -6.47
C ILE A 480 -22.72 -10.82 -7.26
N GLU A 481 -23.19 -9.72 -6.67
CA GLU A 481 -24.09 -8.82 -7.36
C GLU A 481 -23.51 -8.41 -8.72
N GLN A 482 -24.38 -8.27 -9.71
CA GLN A 482 -24.00 -7.89 -11.06
C GLN A 482 -24.75 -6.62 -11.46
N PHE A 483 -24.31 -6.03 -12.57
CA PHE A 483 -24.89 -4.81 -13.11
C PHE A 483 -25.92 -5.13 -14.19
N SER A 484 -26.64 -4.09 -14.62
CA SER A 484 -27.54 -4.17 -15.75
C SER A 484 -26.83 -3.63 -16.99
N THR A 485 -27.05 -4.28 -18.14
CA THR A 485 -26.33 -3.92 -19.34
C THR A 485 -26.60 -2.45 -19.70
N VAL A 486 -25.53 -1.67 -19.80
CA VAL A 486 -25.67 -0.27 -20.19
C VAL A 486 -26.08 -0.18 -21.66
N LYS A 487 -27.03 0.71 -21.95
CA LYS A 487 -27.58 0.84 -23.29
C LYS A 487 -27.65 2.31 -23.69
N GLY A 488 -27.68 2.54 -25.00
CA GLY A 488 -27.83 3.86 -25.55
C GLY A 488 -26.61 4.76 -25.48
N VAL A 489 -25.48 4.24 -25.01
CA VAL A 489 -24.26 5.03 -24.89
C VAL A 489 -23.32 4.68 -26.04
N ASN A 490 -22.66 5.70 -26.58
CA ASN A 490 -21.68 5.53 -27.64
C ASN A 490 -20.44 6.30 -27.24
N LEU A 491 -19.31 5.59 -27.13
CA LEU A 491 -18.06 6.22 -26.74
C LEU A 491 -17.60 7.16 -27.84
N ASP A 492 -17.48 8.45 -27.51
CA ASP A 492 -17.05 9.47 -28.46
C ASP A 492 -15.58 9.83 -28.22
N HIS A 493 -15.02 10.57 -29.18
CA HIS A 493 -13.64 11.01 -29.06
C HIS A 493 -13.46 12.06 -27.99
N THR A 494 -14.53 12.77 -27.61
CA THR A 494 -14.42 13.77 -26.55
C THR A 494 -13.84 13.16 -25.27
N ASP A 495 -14.05 11.86 -25.06
CA ASP A 495 -13.54 11.18 -23.88
C ASP A 495 -12.19 10.51 -24.12
N ASP A 496 -11.66 10.55 -25.34
CA ASP A 496 -10.35 9.96 -25.59
C ASP A 496 -9.26 10.63 -24.77
N ASP A 497 -9.46 11.91 -24.42
CA ASP A 497 -8.47 12.61 -23.61
C ASP A 497 -8.43 12.05 -22.20
N PHE A 498 -9.60 11.89 -21.57
CA PHE A 498 -9.64 11.37 -20.21
C PHE A 498 -9.04 9.96 -20.14
N TYR A 499 -9.34 9.12 -21.13
CA TYR A 499 -8.75 7.79 -21.13
C TYR A 499 -7.24 7.85 -21.21
N SER A 500 -6.69 8.85 -21.88
CA SER A 500 -5.23 8.92 -22.05
C SER A 500 -4.56 9.35 -20.75
N LYS A 501 -5.12 10.34 -20.06
CA LYS A 501 -4.53 10.80 -18.80
C LYS A 501 -4.58 9.69 -17.75
N PHE A 502 -5.67 8.92 -17.74
CA PHE A 502 -5.79 7.82 -16.79
C PHE A 502 -4.76 6.74 -17.06
N SER A 503 -4.64 6.30 -18.31
CA SER A 503 -3.84 5.12 -18.66
C SER A 503 -2.40 5.53 -18.83
N THR A 504 -1.67 5.55 -17.71
CA THR A 504 -0.27 5.95 -17.68
C THR A 504 0.67 4.75 -17.64
N GLY A 505 0.14 3.54 -17.78
CA GLY A 505 0.98 2.36 -17.82
C GLY A 505 1.34 1.85 -16.45
N SER A 506 2.58 1.38 -16.29
CA SER A 506 3.05 0.79 -15.05
C SER A 506 3.61 1.87 -14.12
N VAL A 507 3.49 1.61 -12.83
CA VAL A 507 4.05 2.46 -11.80
C VAL A 507 5.44 1.93 -11.46
N SER A 508 6.43 2.82 -11.48
CA SER A 508 7.83 2.41 -11.48
C SER A 508 8.17 1.58 -10.26
N ILE A 509 8.05 2.17 -9.06
CA ILE A 509 8.48 1.49 -7.85
C ILE A 509 7.77 0.16 -7.69
N PRO A 510 6.43 0.05 -7.80
CA PRO A 510 5.79 -1.26 -7.71
C PRO A 510 6.30 -2.20 -8.76
N TRP A 511 6.45 -1.74 -10.01
CA TRP A 511 6.96 -2.61 -11.06
C TRP A 511 8.30 -3.21 -10.67
N GLN A 512 9.23 -2.35 -10.23
CA GLN A 512 10.54 -2.84 -9.81
C GLN A 512 10.41 -3.87 -8.71
N ASN A 513 9.49 -3.63 -7.75
CA ASN A 513 9.28 -4.62 -6.69
C ASN A 513 8.76 -5.93 -7.25
N GLU A 514 7.91 -5.86 -8.27
CA GLU A 514 7.42 -7.09 -8.91
C GLU A 514 8.57 -7.91 -9.45
N MET A 515 9.51 -7.27 -10.18
CA MET A 515 10.64 -7.97 -10.75
C MET A 515 11.56 -8.52 -9.67
N ILE A 516 11.70 -7.80 -8.57
CA ILE A 516 12.50 -8.29 -7.46
C ILE A 516 11.79 -9.39 -6.70
N GLU A 517 10.49 -9.20 -6.43
CA GLU A 517 9.76 -10.17 -5.62
C GLU A 517 9.67 -11.51 -6.33
N THR A 518 9.40 -11.50 -7.63
CA THR A 518 9.23 -12.75 -8.36
C THR A 518 10.56 -13.39 -8.74
N GLU A 519 11.68 -12.83 -8.32
CA GLU A 519 13.03 -13.29 -8.63
C GLU A 519 13.41 -13.09 -10.09
N CYS A 520 12.56 -12.42 -10.88
CA CYS A 520 12.96 -12.11 -12.25
C CYS A 520 14.22 -11.26 -12.29
N PHE A 521 14.31 -10.26 -11.40
CA PHE A 521 15.53 -9.45 -11.35
C PHE A 521 16.73 -10.31 -10.98
N LYS A 522 16.55 -11.23 -10.04
CA LYS A 522 17.67 -12.08 -9.61
C LYS A 522 18.20 -12.91 -10.77
N GLU A 523 17.32 -13.61 -11.47
CA GLU A 523 17.76 -14.53 -12.51
C GLU A 523 18.34 -13.77 -13.70
N LEU A 524 17.75 -12.63 -14.05
CA LEU A 524 18.17 -11.93 -15.26
C LEU A 524 19.33 -10.97 -15.04
N ASN A 525 19.45 -10.37 -13.85
CA ASN A 525 20.50 -9.37 -13.61
C ASN A 525 21.83 -10.08 -13.41
N VAL A 526 22.48 -10.41 -14.52
CA VAL A 526 23.76 -11.11 -14.53
C VAL A 526 24.73 -10.34 -15.40
N PHE A 527 26.01 -10.66 -15.26
CA PHE A 527 27.05 -10.03 -16.03
C PHE A 527 28.05 -11.09 -16.49
N GLY A 528 28.96 -10.66 -17.35
CA GLY A 528 29.95 -11.56 -17.88
C GLY A 528 30.77 -12.21 -16.79
N PRO A 529 31.59 -13.19 -17.17
CA PRO A 529 32.47 -13.84 -16.17
C PRO A 529 33.50 -12.86 -15.61
N ASN A 530 33.93 -13.13 -14.38
CA ASN A 530 34.90 -12.29 -13.70
C ASN A 530 34.43 -10.84 -13.61
N GLY A 531 33.11 -10.64 -13.57
CA GLY A 531 32.57 -9.30 -13.51
C GLY A 531 32.95 -8.46 -14.72
N THR A 532 32.79 -9.03 -15.90
CA THR A 532 33.10 -8.36 -17.15
C THR A 532 31.82 -7.92 -17.86
N LEU A 533 31.99 -7.08 -18.86
CA LEU A 533 30.85 -6.60 -19.63
C LEU A 533 30.17 -7.77 -20.33
N PRO A 534 28.88 -7.99 -20.12
CA PRO A 534 28.14 -8.96 -20.95
C PRO A 534 27.89 -8.39 -22.33
N PRO A 535 27.41 -9.20 -23.27
CA PRO A 535 27.22 -8.68 -24.64
C PRO A 535 26.23 -7.54 -24.73
N ASP A 536 25.15 -7.60 -23.93
CA ASP A 536 24.12 -6.57 -24.01
C ASP A 536 24.60 -5.22 -23.51
N LEU A 537 25.74 -5.18 -22.80
CA LEU A 537 26.33 -3.93 -22.34
C LEU A 537 27.62 -3.59 -23.06
N ASN A 538 28.09 -4.46 -23.96
CA ASN A 538 29.35 -4.22 -24.67
C ASN A 538 29.09 -3.34 -25.87
N ARG A 539 29.79 -2.21 -25.95
CA ARG A 539 29.61 -1.23 -27.02
C ARG A 539 30.52 -1.50 -28.22
N ASN A 540 31.26 -2.60 -28.21
CA ASN A 540 32.05 -2.95 -29.38
C ASN A 540 31.20 -3.62 -30.46
N HIS A 541 30.29 -4.50 -30.06
CA HIS A 541 29.37 -5.16 -30.98
C HIS A 541 28.27 -5.82 -30.16
N PRO A 542 27.02 -5.82 -30.66
CA PRO A 542 25.93 -6.48 -29.90
C PRO A 542 26.22 -7.93 -29.53
C ACE B . -24.75 -27.92 -3.88
O ACE B . -25.58 -28.76 -3.56
CH3 ACE B . -24.91 -26.50 -3.41
H1 ACE B . -24.06 -26.23 -2.79
H2 ACE B . -24.96 -25.84 -4.28
H3 ACE B . -25.83 -26.41 -2.84
N1 SGV C . -8.15 -7.66 -3.40
C2 SGV C . -9.14 -8.52 -3.17
N3 SGV C . -10.44 -8.32 -3.13
C4 SGV C . -10.74 -7.04 -3.36
C5 SGV C . -9.85 -6.00 -3.62
C6 SGV C . -8.48 -6.37 -3.62
N6 SGV C . -7.50 -5.50 -3.84
C7 SGV C . -10.63 -4.80 -3.79
C8 SGV C . -11.94 -5.17 -3.65
N9 SGV C . -12.03 -6.53 -3.39
C1' SGV C . -13.27 -7.27 -3.16
C10 SGV C . -10.13 -3.44 -4.06
N11 SGV C . -11.04 -2.48 -4.36
O12 SGV C . -8.92 -3.16 -3.97
C2' SGV C . -13.54 -7.47 -1.66
O2' SGV C . -14.22 -8.71 -1.45
C3' SGV C . -14.45 -6.28 -1.36
O3' SGV C . -15.27 -6.48 -0.22
C4' SGV C . -15.25 -6.15 -2.63
O4' SGV C . -14.34 -6.52 -3.69
C5' SGV C . -15.80 -4.77 -2.89
O5' SGV C . -16.67 -4.77 -4.02
H2 SGV C . -8.87 -9.39 -3.02
HN6 SGV C . -6.71 -5.65 -3.54
HN6A SGV C . -7.67 -4.78 -4.29
H8 SGV C . -12.72 -4.66 -3.69
H1' SGV C . -13.18 -8.14 -3.61
HN11 SGV C . -11.87 -2.63 -4.43
HN1A SGV C . -10.77 -1.67 -4.52
H2' SGV C . -12.72 -7.39 -1.17
HO2' SGV C . -14.31 -8.82 -0.61
H3' SGV C . -13.90 -5.49 -1.23
HO3' SGV C . -15.70 -5.76 -0.07
H4' SGV C . -15.99 -6.79 -2.66
H5' SGV C . -15.04 -4.17 -3.00
H5'A SGV C . -16.26 -4.48 -2.08
HO5' SGV C . -17.06 -4.01 -4.04
K K D . -17.07 -14.15 12.90
#